data_4MST
#
_entry.id   4MST
#
_cell.length_a   111.106
_cell.length_b   40.415
_cell.length_c   111.854
_cell.angle_alpha   90.00
_cell.angle_beta   96.73
_cell.angle_gamma   90.00
#
_symmetry.space_group_name_H-M   'I 1 2 1'
#
loop_
_entity.id
_entity.type
_entity.pdbx_description
1 polymer 'class I chitinase'
2 non-polymer 'CHLORIDE ION'
3 water water
#
_entity_poly.entity_id   1
_entity_poly.type   'polypeptide(L)'
_entity_poly.pdbx_seq_one_letter_code
;SIISRSTFEEMLKHRNDAACPAKGFYTYDAFISAAKAFPAFGTTGDVDTCKREIAAFFGQTSHATTGGWPTAPDGPYAWG
YCYKEELNQASSYCSPSPAYPCAPGKKYYGRGPIQLSWNYNYGQCGQALGLDLLNNPDLVATDRVISFKAAIWFWMTPQF
PKPSCHDVITGQWSPTGHDISAGRAPGYGVITNIINGGLECGRGWDARVEDRIGFYKRYCDMFAVGYGSNLDCYNQTPFG
LG
;
_entity_poly.pdbx_strand_id   A,B
#
loop_
_chem_comp.id
_chem_comp.type
_chem_comp.name
_chem_comp.formula
CL non-polymer 'CHLORIDE ION' 'Cl -1'
#
# COMPACT_ATOMS: atom_id res chain seq x y z
N SER A 1 24.15 18.55 -7.21
CA SER A 1 25.25 18.33 -8.15
C SER A 1 26.31 17.42 -7.56
N ILE A 2 25.91 16.52 -6.66
CA ILE A 2 26.86 15.55 -6.13
C ILE A 2 27.23 14.48 -7.16
N ILE A 3 26.46 14.42 -8.25
CA ILE A 3 26.74 13.56 -9.40
C ILE A 3 25.89 14.05 -10.58
N SER A 4 26.40 13.96 -11.80
CA SER A 4 25.66 14.47 -12.97
C SER A 4 24.69 13.44 -13.53
N ARG A 5 23.72 13.91 -14.32
CA ARG A 5 22.73 13.03 -14.97
C ARG A 5 23.39 11.98 -15.86
N SER A 6 24.36 12.39 -16.69
CA SER A 6 24.94 11.45 -17.64
C SER A 6 25.79 10.36 -16.95
N THR A 7 26.42 10.72 -15.84
CA THR A 7 27.18 9.74 -15.05
C THR A 7 26.26 8.69 -14.41
N PHE A 8 25.17 9.15 -13.80
CA PHE A 8 24.12 8.29 -13.21
C PHE A 8 23.61 7.30 -14.26
N GLU A 9 23.25 7.78 -15.45
CA GLU A 9 22.69 6.88 -16.48
C GLU A 9 23.70 5.86 -17.03
N GLU A 10 24.97 6.23 -17.13
CA GLU A 10 25.99 5.27 -17.59
C GLU A 10 26.29 4.21 -16.53
N MET A 11 26.28 4.63 -15.26
CA MET A 11 26.49 3.71 -14.16
C MET A 11 25.41 2.63 -14.16
N LEU A 12 24.16 3.07 -14.30
CA LEU A 12 23.02 2.15 -14.20
C LEU A 12 22.38 1.89 -15.57
N LYS A 13 23.20 1.55 -16.55
CA LYS A 13 22.71 1.57 -17.93
C LYS A 13 21.88 0.36 -18.40
N HIS A 14 21.73 -0.68 -17.59
CA HIS A 14 20.86 -1.80 -17.98
C HIS A 14 19.62 -1.95 -17.07
N ARG A 15 19.40 -1.00 -16.15
CA ARG A 15 18.32 -1.13 -15.17
C ARG A 15 16.91 -1.15 -15.81
N ASN A 16 16.77 -0.57 -17.01
CA ASN A 16 15.46 -0.53 -17.66
C ASN A 16 15.30 -1.57 -18.80
N ASP A 17 16.13 -2.62 -18.77
CA ASP A 17 16.00 -3.79 -19.66
C ASP A 17 14.67 -4.50 -19.45
N ALA A 18 14.19 -5.18 -20.48
CA ALA A 18 12.93 -5.92 -20.43
C ALA A 18 12.88 -6.93 -19.29
N ALA A 19 14.03 -7.49 -18.89
CA ALA A 19 14.05 -8.52 -17.87
C ALA A 19 13.98 -7.96 -16.44
N CYS A 20 13.98 -6.65 -16.28
CA CYS A 20 14.09 -6.06 -14.94
C CYS A 20 12.73 -5.61 -14.39
N PRO A 21 12.29 -6.19 -13.26
CA PRO A 21 10.96 -5.88 -12.72
C PRO A 21 10.76 -4.41 -12.32
N ALA A 22 11.82 -3.72 -11.89
CA ALA A 22 11.70 -2.31 -11.48
C ALA A 22 11.82 -1.27 -12.61
N LYS A 23 11.84 -1.73 -13.86
N LYS A 23 11.83 -1.72 -13.86
CA LYS A 23 11.93 -0.86 -15.03
CA LYS A 23 12.03 -0.82 -14.99
C LYS A 23 11.08 0.41 -14.91
C LYS A 23 11.11 0.40 -14.93
N GLY A 24 11.71 1.57 -15.12
CA GLY A 24 11.02 2.85 -15.01
C GLY A 24 10.91 3.51 -13.64
N PHE A 25 11.27 2.79 -12.57
CA PHE A 25 11.01 3.29 -11.21
C PHE A 25 12.14 4.18 -10.69
N TYR A 26 13.39 3.77 -10.95
CA TYR A 26 14.53 4.53 -10.45
C TYR A 26 14.90 5.67 -11.39
N THR A 27 14.79 6.92 -10.92
CA THR A 27 15.14 8.10 -11.73
C THR A 27 16.19 9.02 -11.12
N TYR A 28 16.94 9.73 -11.98
CA TYR A 28 17.92 10.70 -11.51
C TYR A 28 17.26 11.81 -10.70
N ASP A 29 16.16 12.37 -11.20
CA ASP A 29 15.44 13.45 -10.51
C ASP A 29 14.98 13.04 -9.11
N ALA A 30 14.60 11.78 -8.92
CA ALA A 30 14.18 11.38 -7.57
C ALA A 30 15.38 11.19 -6.62
N PHE A 31 16.52 10.75 -7.14
CA PHE A 31 17.71 10.61 -6.28
C PHE A 31 18.19 11.99 -5.79
N ILE A 32 18.23 12.96 -6.70
CA ILE A 32 18.65 14.32 -6.36
C ILE A 32 17.73 14.94 -5.31
N SER A 33 16.42 14.70 -5.44
CA SER A 33 15.46 15.22 -4.47
C SER A 33 15.66 14.60 -3.07
N ALA A 34 15.89 13.29 -3.02
CA ALA A 34 16.13 12.61 -1.75
C ALA A 34 17.41 13.10 -1.07
N ALA A 35 18.46 13.32 -1.86
CA ALA A 35 19.76 13.74 -1.32
C ALA A 35 19.71 15.05 -0.54
N LYS A 36 18.78 15.93 -0.91
CA LYS A 36 18.64 17.23 -0.27
C LYS A 36 18.20 17.11 1.19
N ALA A 37 17.64 15.97 1.57
CA ALA A 37 17.29 15.73 2.97
C ALA A 37 18.51 15.45 3.84
N PHE A 38 19.66 15.17 3.22
CA PHE A 38 20.90 14.85 3.93
C PHE A 38 22.10 15.58 3.31
N PRO A 39 22.23 16.91 3.54
CA PRO A 39 23.20 17.75 2.84
C PRO A 39 24.69 17.34 3.00
N ALA A 40 25.05 16.56 4.01
CA ALA A 40 26.45 16.18 4.20
C ALA A 40 26.85 14.95 3.39
N PHE A 41 25.86 14.25 2.85
CA PHE A 41 26.10 13.07 1.99
C PHE A 41 26.70 13.47 0.64
N GLY A 42 27.88 12.95 0.32
CA GLY A 42 28.55 13.35 -0.92
C GLY A 42 29.27 14.70 -0.96
N THR A 43 29.28 15.42 0.16
CA THR A 43 29.94 16.72 0.22
C THR A 43 30.94 16.81 1.38
N THR A 44 31.29 15.67 1.95
CA THR A 44 32.17 15.62 3.12
C THR A 44 33.56 15.10 2.75
N GLY A 45 34.60 15.89 3.04
CA GLY A 45 35.98 15.46 2.78
C GLY A 45 36.61 16.17 1.59
N ASP A 46 37.83 15.77 1.23
CA ASP A 46 38.49 16.30 0.02
C ASP A 46 37.86 15.70 -1.24
N VAL A 47 38.33 16.14 -2.42
CA VAL A 47 37.73 15.71 -3.70
C VAL A 47 37.70 14.19 -3.92
N ASP A 48 38.79 13.51 -3.58
CA ASP A 48 38.85 12.05 -3.71
C ASP A 48 37.90 11.32 -2.73
N THR A 49 37.75 11.87 -1.54
CA THR A 49 36.87 11.28 -0.53
C THR A 49 35.39 11.39 -0.91
N CYS A 50 35.00 12.53 -1.46
CA CYS A 50 33.63 12.67 -1.96
C CYS A 50 33.31 11.67 -3.09
N LYS A 51 34.23 11.50 -4.04
CA LYS A 51 34.08 10.45 -5.08
C LYS A 51 33.97 9.04 -4.51
N ARG A 52 34.80 8.71 -3.52
CA ARG A 52 34.74 7.37 -2.92
C ARG A 52 33.42 7.15 -2.16
N GLU A 53 32.84 8.20 -1.56
CA GLU A 53 31.55 7.99 -0.87
C GLU A 53 30.45 7.65 -1.88
N ILE A 54 30.40 8.40 -2.97
CA ILE A 54 29.43 8.11 -4.06
C ILE A 54 29.63 6.70 -4.66
N ALA A 55 30.87 6.33 -4.99
CA ALA A 55 31.10 4.96 -5.53
C ALA A 55 30.74 3.84 -4.52
N ALA A 56 30.95 4.08 -3.23
CA ALA A 56 30.67 3.02 -2.24
C ALA A 56 29.16 2.86 -1.99
N PHE A 57 28.44 3.98 -1.88
CA PHE A 57 26.97 3.93 -1.77
C PHE A 57 26.39 3.19 -2.98
N PHE A 58 26.76 3.58 -4.19
CA PHE A 58 26.14 2.90 -5.36
C PHE A 58 26.66 1.47 -5.55
N GLY A 59 27.86 1.16 -5.06
CA GLY A 59 28.37 -0.20 -5.12
C GLY A 59 27.56 -1.17 -4.25
N GLN A 60 27.27 -0.78 -3.03
CA GLN A 60 26.59 -1.67 -2.08
C GLN A 60 25.11 -1.85 -2.45
N THR A 61 24.43 -0.75 -2.84
CA THR A 61 23.03 -0.79 -3.27
C THR A 61 22.85 -1.49 -4.62
N SER A 62 23.82 -1.34 -5.52
CA SER A 62 23.79 -2.10 -6.77
C SER A 62 23.80 -3.63 -6.53
N HIS A 63 24.70 -4.12 -5.67
CA HIS A 63 24.68 -5.55 -5.32
C HIS A 63 23.33 -5.98 -4.77
N ALA A 64 22.75 -5.21 -3.85
CA ALA A 64 21.48 -5.61 -3.21
C ALA A 64 20.33 -5.76 -4.22
N THR A 65 20.46 -5.09 -5.37
CA THR A 65 19.40 -5.07 -6.40
C THR A 65 19.82 -5.61 -7.79
N THR A 66 20.89 -6.41 -7.85
CA THR A 66 21.50 -6.76 -9.13
C THR A 66 20.70 -7.81 -9.92
N GLY A 67 20.79 -7.72 -11.25
CA GLY A 67 20.30 -8.78 -12.12
C GLY A 67 21.41 -9.34 -13.02
N GLY A 68 22.66 -9.24 -12.57
CA GLY A 68 23.78 -9.62 -13.43
C GLY A 68 24.10 -11.12 -13.45
N TRP A 69 24.92 -11.52 -14.41
CA TRP A 69 25.46 -12.88 -14.49
C TRP A 69 26.83 -12.82 -15.19
N PRO A 70 27.65 -13.89 -15.14
CA PRO A 70 29.03 -13.75 -15.63
C PRO A 70 29.20 -13.40 -17.10
N THR A 71 28.29 -13.81 -17.99
CA THR A 71 28.41 -13.42 -19.40
C THR A 71 27.43 -12.32 -19.84
N ALA A 72 26.98 -11.49 -18.90
CA ALA A 72 26.05 -10.42 -19.24
C ALA A 72 26.67 -9.36 -20.18
N PRO A 73 25.84 -8.69 -21.00
CA PRO A 73 26.35 -7.56 -21.79
C PRO A 73 26.99 -6.49 -20.91
N ASP A 74 28.20 -6.07 -21.28
CA ASP A 74 29.01 -5.13 -20.51
C ASP A 74 29.44 -5.66 -19.13
N GLY A 75 29.33 -6.96 -18.91
CA GLY A 75 29.82 -7.59 -17.69
C GLY A 75 28.85 -7.49 -16.53
N PRO A 76 29.07 -8.30 -15.47
CA PRO A 76 28.07 -8.38 -14.39
C PRO A 76 27.94 -7.09 -13.55
N TYR A 77 28.91 -6.17 -13.66
CA TYR A 77 28.86 -4.99 -12.80
C TYR A 77 28.24 -3.80 -13.53
N ALA A 78 27.51 -4.07 -14.61
CA ALA A 78 26.67 -3.05 -15.24
C ALA A 78 25.15 -3.28 -15.01
N TRP A 79 24.78 -4.20 -14.11
CA TRP A 79 23.38 -4.60 -13.97
C TRP A 79 22.77 -4.31 -12.59
N GLY A 80 23.22 -3.25 -11.94
CA GLY A 80 22.58 -2.80 -10.71
C GLY A 80 21.19 -2.18 -10.89
N TYR A 81 20.42 -2.12 -9.81
CA TYR A 81 19.10 -1.46 -9.76
C TYR A 81 18.03 -2.13 -10.68
N CYS A 82 18.09 -3.46 -10.73
CA CYS A 82 17.16 -4.27 -11.55
C CYS A 82 15.86 -4.61 -10.78
N TYR A 83 15.97 -4.75 -9.44
CA TYR A 83 14.86 -5.10 -8.53
C TYR A 83 14.57 -4.02 -7.50
N LYS A 84 13.40 -4.09 -6.87
CA LYS A 84 13.07 -3.14 -5.80
C LYS A 84 12.40 -3.78 -4.56
N GLU A 85 12.06 -5.07 -4.62
CA GLU A 85 11.59 -5.77 -3.41
C GLU A 85 12.09 -7.22 -3.26
N GLU A 86 12.23 -7.67 -2.01
CA GLU A 86 12.72 -9.02 -1.67
C GLU A 86 11.91 -10.09 -2.42
N LEU A 87 12.56 -11.18 -2.87
CA LEU A 87 11.84 -12.21 -3.64
C LEU A 87 10.85 -12.99 -2.80
N ASN A 88 11.29 -13.41 -1.61
CA ASN A 88 10.45 -14.15 -0.69
C ASN A 88 9.81 -13.24 0.35
N GLN A 89 8.50 -13.02 0.22
CA GLN A 89 7.80 -12.12 1.12
C GLN A 89 6.93 -12.87 2.16
N ALA A 90 7.37 -14.06 2.56
CA ALA A 90 6.66 -14.86 3.55
C ALA A 90 6.74 -14.30 4.98
N SER A 91 7.93 -13.88 5.40
CA SER A 91 8.12 -13.45 6.80
C SER A 91 7.65 -12.02 7.07
N SER A 92 7.20 -11.78 8.30
CA SER A 92 6.79 -10.44 8.73
C SER A 92 7.97 -9.54 9.17
N TYR A 93 9.12 -10.14 9.50
CA TYR A 93 10.29 -9.39 9.97
C TYR A 93 9.93 -8.52 11.18
N CYS A 94 9.35 -9.17 12.20
CA CYS A 94 8.96 -8.50 13.45
C CYS A 94 9.85 -8.91 14.63
N SER A 95 10.46 -7.91 15.27
CA SER A 95 11.19 -8.10 16.52
C SER A 95 10.52 -7.17 17.53
N PRO A 96 9.65 -7.72 18.39
CA PRO A 96 8.72 -6.93 19.20
C PRO A 96 9.38 -5.91 20.13
N SER A 97 8.89 -4.67 20.12
CA SER A 97 9.38 -3.68 21.09
C SER A 97 8.34 -2.61 21.37
N PRO A 98 8.32 -2.09 22.61
CA PRO A 98 7.44 -0.99 23.00
C PRO A 98 7.69 0.28 22.15
N ALA A 99 8.94 0.49 21.77
CA ALA A 99 9.32 1.69 21.02
C ALA A 99 8.75 1.71 19.60
N TYR A 100 8.88 0.59 18.90
CA TYR A 100 8.40 0.45 17.52
C TYR A 100 7.56 -0.83 17.37
N PRO A 101 6.28 -0.77 17.77
CA PRO A 101 5.42 -1.95 17.72
C PRO A 101 4.96 -2.33 16.30
N CYS A 102 4.91 -3.62 16.02
CA CYS A 102 4.53 -4.10 14.69
C CYS A 102 3.04 -3.86 14.39
N ALA A 103 2.75 -3.20 13.28
CA ALA A 103 1.36 -2.90 12.89
C ALA A 103 0.64 -4.13 12.33
N PRO A 104 -0.62 -4.35 12.75
CA PRO A 104 -1.38 -5.55 12.36
C PRO A 104 -1.53 -5.72 10.85
N GLY A 105 -1.13 -6.89 10.35
CA GLY A 105 -1.29 -7.21 8.94
C GLY A 105 -0.16 -6.73 8.04
N LYS A 106 0.79 -5.98 8.61
CA LYS A 106 1.90 -5.41 7.82
C LYS A 106 3.19 -6.26 7.91
N LYS A 107 4.07 -6.11 6.92
CA LYS A 107 5.28 -6.92 6.83
C LYS A 107 6.49 -6.05 6.49
N TYR A 108 7.62 -6.29 7.18
CA TYR A 108 8.79 -5.43 7.02
C TYR A 108 9.95 -6.11 6.26
N TYR A 109 9.62 -6.77 5.15
CA TYR A 109 10.62 -7.38 4.26
C TYR A 109 11.37 -6.31 3.46
N GLY A 110 12.44 -6.69 2.78
CA GLY A 110 13.30 -5.74 2.06
C GLY A 110 12.68 -4.89 0.94
N ARG A 111 12.86 -3.57 1.01
CA ARG A 111 12.40 -2.65 -0.04
C ARG A 111 13.44 -1.57 -0.43
N GLY A 112 13.49 -1.25 -1.72
CA GLY A 112 14.32 -0.15 -2.25
C GLY A 112 15.78 -0.50 -2.41
N PRO A 113 16.64 0.50 -2.70
CA PRO A 113 18.07 0.26 -2.99
C PRO A 113 18.86 -0.42 -1.86
N ILE A 114 18.56 -0.16 -0.59
CA ILE A 114 19.33 -0.78 0.52
C ILE A 114 18.59 -2.01 1.06
N GLN A 115 17.46 -2.33 0.44
CA GLN A 115 16.59 -3.43 0.89
C GLN A 115 16.27 -3.36 2.40
N LEU A 116 15.74 -2.21 2.83
CA LEU A 116 15.43 -1.92 4.24
C LEU A 116 14.55 -3.00 4.86
N SER A 117 14.96 -3.55 6.01
CA SER A 117 14.26 -4.64 6.71
C SER A 117 14.09 -4.44 8.24
N TRP A 118 13.02 -5.05 8.78
CA TRP A 118 12.69 -5.11 10.24
C TRP A 118 11.97 -3.88 10.77
N ASN A 119 11.04 -4.10 11.71
CA ASN A 119 10.22 -3.00 12.22
C ASN A 119 11.01 -1.87 12.87
N TYR A 120 12.13 -2.18 13.53
CA TYR A 120 12.90 -1.13 14.21
C TYR A 120 13.59 -0.19 13.21
N ASN A 121 13.92 -0.69 12.02
CA ASN A 121 14.47 0.19 10.98
C ASN A 121 13.40 1.09 10.34
N TYR A 122 12.26 0.53 9.97
CA TYR A 122 11.17 1.35 9.45
C TYR A 122 10.72 2.39 10.48
N GLY A 123 10.65 1.98 11.74
CA GLY A 123 10.26 2.88 12.81
C GLY A 123 11.20 4.06 13.03
N GLN A 124 12.49 3.78 13.24
CA GLN A 124 13.46 4.87 13.45
C GLN A 124 13.48 5.82 12.25
N CYS A 125 13.43 5.25 11.04
CA CYS A 125 13.51 6.05 9.81
C CYS A 125 12.30 6.97 9.66
N GLY A 126 11.10 6.42 9.89
CA GLY A 126 9.87 7.20 9.80
C GLY A 126 9.84 8.36 10.79
N GLN A 127 10.36 8.12 12.00
CA GLN A 127 10.46 9.19 13.00
C GLN A 127 11.37 10.30 12.51
N ALA A 128 12.53 9.93 11.99
CA ALA A 128 13.53 10.91 11.54
C ALA A 128 13.02 11.78 10.39
N LEU A 129 12.24 11.21 9.50
CA LEU A 129 11.82 11.89 8.28
C LEU A 129 10.39 12.46 8.36
N GLY A 130 9.72 12.25 9.48
CA GLY A 130 8.34 12.69 9.65
C GLY A 130 7.37 11.99 8.72
N LEU A 131 7.60 10.69 8.51
CA LEU A 131 6.78 9.84 7.64
C LEU A 131 6.23 8.66 8.42
N ASP A 132 5.08 8.13 8.02
CA ASP A 132 4.45 7.05 8.78
C ASP A 132 4.79 5.67 8.23
N LEU A 133 6.08 5.32 8.28
CA LEU A 133 6.56 4.09 7.66
C LEU A 133 6.28 2.83 8.48
N LEU A 134 5.97 3.00 9.76
CA LEU A 134 5.65 1.84 10.59
C LEU A 134 4.25 1.32 10.25
N ASN A 135 3.32 2.24 10.06
CA ASN A 135 1.97 1.86 9.63
C ASN A 135 1.83 1.63 8.11
N ASN A 136 2.73 2.23 7.33
CA ASN A 136 2.65 2.13 5.86
C ASN A 136 4.01 1.85 5.21
N PRO A 137 4.60 0.67 5.50
CA PRO A 137 5.93 0.33 4.98
C PRO A 137 6.01 0.22 3.44
N ASP A 138 4.89 -0.03 2.79
CA ASP A 138 4.89 -0.15 1.31
C ASP A 138 5.43 1.09 0.61
N LEU A 139 5.34 2.27 1.25
CA LEU A 139 5.85 3.51 0.68
C LEU A 139 7.33 3.45 0.23
N VAL A 140 8.12 2.61 0.90
CA VAL A 140 9.55 2.49 0.58
C VAL A 140 9.73 1.78 -0.78
N ALA A 141 8.70 1.07 -1.23
CA ALA A 141 8.72 0.44 -2.55
C ALA A 141 7.80 1.09 -3.60
N THR A 142 6.89 1.98 -3.20
CA THR A 142 5.93 2.55 -4.18
C THR A 142 6.17 4.02 -4.55
N ASP A 143 6.81 4.78 -3.65
CA ASP A 143 7.12 6.20 -3.93
C ASP A 143 8.57 6.39 -4.37
N ARG A 144 8.77 6.94 -5.57
CA ARG A 144 10.10 7.08 -6.18
C ARG A 144 11.12 7.82 -5.29
N VAL A 145 10.67 8.86 -4.58
CA VAL A 145 11.58 9.66 -3.74
C VAL A 145 11.85 9.01 -2.35
N ILE A 146 10.79 8.56 -1.68
CA ILE A 146 10.94 7.95 -0.36
C ILE A 146 11.85 6.70 -0.41
N SER A 147 11.79 5.94 -1.51
CA SER A 147 12.65 4.77 -1.69
C SER A 147 14.14 5.11 -1.51
N PHE A 148 14.56 6.19 -2.18
CA PHE A 148 15.93 6.71 -2.03
C PHE A 148 16.19 7.34 -0.64
N LYS A 149 15.23 8.08 -0.09
CA LYS A 149 15.43 8.70 1.24
C LYS A 149 15.72 7.65 2.33
N ALA A 150 15.06 6.51 2.23
CA ALA A 150 15.22 5.45 3.23
C ALA A 150 16.60 4.81 3.12
N ALA A 151 17.13 4.75 1.90
CA ALA A 151 18.44 4.15 1.71
C ALA A 151 19.55 5.08 2.23
N ILE A 152 19.42 6.38 1.93
CA ILE A 152 20.42 7.34 2.39
C ILE A 152 20.32 7.48 3.92
N TRP A 153 19.11 7.40 4.47
CA TRP A 153 18.95 7.45 5.93
C TRP A 153 19.76 6.30 6.59
N PHE A 154 19.65 5.08 6.06
CA PHE A 154 20.39 3.95 6.64
C PHE A 154 21.89 4.20 6.58
N TRP A 155 22.37 4.63 5.42
CA TRP A 155 23.80 4.92 5.19
C TRP A 155 24.38 5.94 6.20
N MET A 156 23.56 6.92 6.60
CA MET A 156 24.02 8.02 7.46
C MET A 156 23.86 7.81 8.98
N THR A 157 23.22 6.71 9.41
CA THR A 157 22.81 6.54 10.82
C THR A 157 23.54 5.41 11.60
N PRO A 158 24.24 5.78 12.70
CA PRO A 158 24.91 4.78 13.54
C PRO A 158 23.90 3.98 14.35
N GLN A 159 24.16 2.68 14.56
CA GLN A 159 23.33 1.81 15.39
C GLN A 159 24.22 0.97 16.33
N PHE A 160 24.49 1.51 17.52
CA PHE A 160 25.43 0.90 18.49
C PHE A 160 25.20 -0.61 18.63
N PRO A 161 26.28 -1.41 18.52
CA PRO A 161 27.71 -1.04 18.44
C PRO A 161 28.25 -0.69 17.04
N LYS A 162 27.43 -0.73 16.00
CA LYS A 162 27.89 -0.34 14.66
C LYS A 162 28.05 1.18 14.47
N PRO A 163 29.12 1.62 13.78
CA PRO A 163 29.20 3.02 13.34
C PRO A 163 28.38 3.24 12.06
N SER A 164 28.22 4.47 11.58
CA SER A 164 27.56 4.69 10.27
C SER A 164 28.50 4.38 9.09
N CYS A 165 27.93 3.90 7.98
CA CYS A 165 28.72 3.67 6.76
C CYS A 165 29.41 4.97 6.31
N HIS A 166 28.70 6.10 6.43
CA HIS A 166 29.21 7.44 6.11
C HIS A 166 30.49 7.77 6.86
N ASP A 167 30.48 7.56 8.18
CA ASP A 167 31.68 7.79 8.99
C ASP A 167 32.88 6.92 8.57
N VAL A 168 32.63 5.63 8.30
CA VAL A 168 33.72 4.74 7.91
C VAL A 168 34.38 5.18 6.60
N ILE A 169 33.56 5.41 5.54
CA ILE A 169 34.12 5.79 4.23
C ILE A 169 34.76 7.20 4.19
N THR A 170 34.32 8.13 5.05
CA THR A 170 34.91 9.47 5.06
C THR A 170 36.11 9.60 6.03
N GLY A 171 36.42 8.55 6.79
CA GLY A 171 37.58 8.60 7.69
C GLY A 171 37.33 9.17 9.08
N GLN A 172 36.06 9.28 9.46
CA GLN A 172 35.66 9.79 10.76
C GLN A 172 35.53 8.70 11.84
N TRP A 173 35.64 7.42 11.47
CA TRP A 173 35.54 6.33 12.46
C TRP A 173 36.92 5.90 12.97
N SER A 174 37.05 5.78 14.30
CA SER A 174 38.27 5.26 14.91
C SER A 174 38.01 3.93 15.65
N PRO A 175 38.55 2.83 15.13
CA PRO A 175 38.31 1.50 15.71
C PRO A 175 38.94 1.33 17.11
N THR A 176 38.23 0.62 17.98
CA THR A 176 38.73 0.28 19.32
C THR A 176 39.67 -0.92 19.26
N GLY A 177 40.25 -1.29 20.41
CA GLY A 177 41.06 -2.49 20.49
C GLY A 177 40.28 -3.75 20.14
N HIS A 178 39.04 -3.82 20.61
CA HIS A 178 38.13 -4.93 20.34
C HIS A 178 37.89 -5.12 18.82
N ASP A 179 37.75 -3.99 18.10
CA ASP A 179 37.59 -4.00 16.64
C ASP A 179 38.85 -4.49 15.94
N ILE A 180 40.01 -4.02 16.41
CA ILE A 180 41.26 -4.37 15.73
C ILE A 180 41.55 -5.88 15.80
N SER A 181 41.32 -6.52 16.95
CA SER A 181 41.61 -7.96 17.07
C SER A 181 40.56 -8.81 16.36
N ALA A 182 39.43 -8.20 16.03
CA ALA A 182 38.40 -8.89 15.26
C ALA A 182 38.67 -8.80 13.76
N GLY A 183 39.72 -8.08 13.37
CA GLY A 183 40.04 -7.91 11.95
C GLY A 183 39.30 -6.78 11.24
N ARG A 184 38.60 -5.93 12.01
CA ARG A 184 37.81 -4.82 11.45
C ARG A 184 38.59 -3.51 11.24
N ALA A 185 39.55 -3.53 10.33
CA ALA A 185 40.30 -2.31 9.97
C ALA A 185 39.49 -1.45 8.97
N PRO A 186 39.59 -0.11 9.06
CA PRO A 186 38.73 0.78 8.25
C PRO A 186 38.84 0.58 6.74
N GLY A 187 37.69 0.58 6.05
CA GLY A 187 37.64 0.40 4.60
C GLY A 187 36.31 -0.19 4.13
N TYR A 188 36.23 -0.52 2.85
CA TYR A 188 34.98 -1.02 2.22
C TYR A 188 34.46 -2.32 2.86
N GLY A 189 35.36 -3.19 3.33
CA GLY A 189 34.96 -4.43 3.99
C GLY A 189 34.11 -4.29 5.24
N VAL A 190 34.48 -3.34 6.10
CA VAL A 190 33.69 -3.02 7.30
C VAL A 190 32.28 -2.53 6.94
N ILE A 191 32.15 -1.84 5.80
CA ILE A 191 30.82 -1.38 5.36
C ILE A 191 29.92 -2.57 4.97
N THR A 192 30.49 -3.56 4.28
CA THR A 192 29.79 -4.83 4.03
C THR A 192 29.36 -5.46 5.38
N ASN A 193 30.21 -5.36 6.40
CA ASN A 193 29.93 -5.94 7.72
C ASN A 193 28.73 -5.25 8.40
N ILE A 194 28.71 -3.92 8.38
CA ILE A 194 27.58 -3.15 8.90
C ILE A 194 26.26 -3.55 8.23
N ILE A 195 26.29 -3.64 6.91
CA ILE A 195 25.08 -3.93 6.13
C ILE A 195 24.53 -5.36 6.27
N ASN A 196 25.37 -6.39 6.20
CA ASN A 196 24.86 -7.77 6.30
C ASN A 196 25.88 -8.79 6.84
N GLY A 197 26.75 -8.37 7.75
CA GLY A 197 27.85 -9.21 8.20
C GLY A 197 27.52 -10.51 8.91
N GLY A 198 26.40 -10.53 9.65
CA GLY A 198 25.96 -11.75 10.34
C GLY A 198 25.85 -12.95 9.42
N LEU A 199 25.53 -12.70 8.15
CA LEU A 199 25.38 -13.80 7.20
C LEU A 199 26.56 -13.92 6.23
N GLU A 200 27.26 -12.83 5.94
CA GLU A 200 28.22 -12.84 4.84
C GLU A 200 29.71 -12.85 5.21
N CYS A 201 30.07 -12.39 6.42
CA CYS A 201 31.48 -12.13 6.76
C CYS A 201 32.12 -13.14 7.74
N GLY A 202 33.43 -13.32 7.64
CA GLY A 202 34.20 -14.05 8.62
C GLY A 202 34.30 -15.55 8.45
N ARG A 203 33.65 -16.08 7.41
CA ARG A 203 33.61 -17.54 7.19
CA ARG A 203 33.62 -17.54 7.19
C ARG A 203 34.49 -17.98 6.03
N GLY A 204 35.17 -17.06 5.38
CA GLY A 204 35.92 -17.39 4.17
C GLY A 204 35.34 -16.76 2.90
N TRP A 205 35.74 -17.27 1.73
CA TRP A 205 35.30 -16.70 0.45
C TRP A 205 33.78 -16.82 0.32
N ASP A 206 33.13 -15.77 -0.19
CA ASP A 206 31.67 -15.71 -0.35
C ASP A 206 31.31 -14.91 -1.62
N ALA A 207 30.49 -15.49 -2.49
CA ALA A 207 30.17 -14.86 -3.78
C ALA A 207 29.46 -13.49 -3.67
N ARG A 208 28.65 -13.30 -2.64
CA ARG A 208 27.97 -12.02 -2.40
C ARG A 208 29.00 -10.90 -2.08
N VAL A 209 30.01 -11.25 -1.29
CA VAL A 209 31.01 -10.26 -0.91
C VAL A 209 31.86 -9.87 -2.13
N GLU A 210 32.19 -10.85 -2.95
CA GLU A 210 32.94 -10.57 -4.19
C GLU A 210 32.15 -9.64 -5.12
N ASP A 211 30.83 -9.79 -5.15
CA ASP A 211 30.00 -9.05 -6.11
C ASP A 211 29.94 -7.58 -5.68
N ARG A 212 29.82 -7.34 -4.38
CA ARG A 212 29.88 -5.98 -3.83
C ARG A 212 31.17 -5.27 -4.23
N ILE A 213 32.29 -5.98 -4.14
CA ILE A 213 33.59 -5.41 -4.48
C ILE A 213 33.68 -5.08 -5.97
N GLY A 214 33.21 -5.97 -6.85
CA GLY A 214 33.23 -5.69 -8.27
C GLY A 214 32.54 -4.40 -8.71
N PHE A 215 31.37 -4.12 -8.17
CA PHE A 215 30.66 -2.87 -8.49
C PHE A 215 31.46 -1.63 -8.01
N TYR A 216 32.02 -1.71 -6.79
CA TYR A 216 32.75 -0.58 -6.21
C TYR A 216 33.99 -0.26 -7.06
N LYS A 217 34.73 -1.28 -7.49
CA LYS A 217 35.92 -1.05 -8.34
C LYS A 217 35.53 -0.41 -9.68
N ARG A 218 34.43 -0.84 -10.30
CA ARG A 218 34.01 -0.25 -11.59
C ARG A 218 33.69 1.24 -11.45
N TYR A 219 32.94 1.60 -10.41
CA TYR A 219 32.57 3.01 -10.22
C TYR A 219 33.80 3.86 -9.84
N CYS A 220 34.72 3.30 -9.04
CA CYS A 220 35.96 4.02 -8.71
C CYS A 220 36.79 4.29 -9.98
N ASP A 221 36.87 3.30 -10.88
CA ASP A 221 37.60 3.47 -12.14
C ASP A 221 36.97 4.58 -13.02
N MET A 222 35.64 4.69 -13.01
CA MET A 222 34.93 5.72 -13.78
C MET A 222 35.23 7.13 -13.28
N PHE A 223 35.45 7.26 -11.98
CA PHE A 223 35.72 8.57 -11.36
C PHE A 223 37.21 8.87 -11.28
N ALA A 224 38.02 7.91 -11.72
CA ALA A 224 39.49 8.00 -11.65
C ALA A 224 40.03 8.21 -10.21
N VAL A 225 39.60 7.37 -9.26
CA VAL A 225 40.20 7.38 -7.92
C VAL A 225 40.62 6.00 -7.48
N GLY A 226 41.51 5.93 -6.49
CA GLY A 226 41.97 4.66 -5.96
C GLY A 226 40.97 4.05 -4.99
N TYR A 227 41.10 2.74 -4.75
CA TYR A 227 40.12 1.97 -3.98
C TYR A 227 40.23 2.15 -2.46
N GLY A 228 41.43 2.47 -1.98
CA GLY A 228 41.69 2.45 -0.54
C GLY A 228 42.09 1.05 -0.08
N SER A 229 42.12 0.83 1.23
CA SER A 229 42.57 -0.46 1.80
C SER A 229 41.42 -1.32 2.33
N ASN A 230 41.74 -2.61 2.59
CA ASN A 230 40.85 -3.52 3.33
C ASN A 230 39.46 -3.69 2.68
N LEU A 231 39.44 -4.21 1.45
CA LEU A 231 38.20 -4.22 0.67
C LEU A 231 37.24 -5.37 0.99
N ASP A 232 37.74 -6.49 1.53
CA ASP A 232 36.87 -7.64 1.82
C ASP A 232 36.65 -7.88 3.32
N CYS A 233 35.70 -8.76 3.68
CA CYS A 233 35.46 -9.11 5.08
C CYS A 233 35.56 -10.63 5.33
N TYR A 234 36.33 -11.32 4.49
CA TYR A 234 36.48 -12.78 4.56
C TYR A 234 37.08 -13.20 5.91
N ASN A 235 37.84 -12.30 6.53
CA ASN A 235 38.54 -12.56 7.80
C ASN A 235 38.10 -11.63 8.94
N GLN A 236 36.89 -11.06 8.87
CA GLN A 236 36.36 -10.16 9.93
C GLN A 236 35.26 -10.84 10.74
N THR A 237 35.37 -10.82 12.08
CA THR A 237 34.24 -11.23 12.94
C THR A 237 33.06 -10.24 12.78
N PRO A 238 31.82 -10.73 12.63
CA PRO A 238 30.68 -9.80 12.50
C PRO A 238 30.42 -8.95 13.76
N PHE A 239 29.85 -7.75 13.57
CA PHE A 239 29.39 -6.93 14.70
C PHE A 239 28.27 -7.69 15.45
N GLY A 240 28.17 -7.45 16.74
CA GLY A 240 27.03 -7.88 17.53
C GLY A 240 26.90 -9.35 17.92
N LEU A 241 28.01 -9.97 18.29
CA LEU A 241 28.00 -11.38 18.69
C LEU A 241 28.28 -11.56 20.19
N SER B 1 -26.91 -5.30 19.90
CA SER B 1 -26.40 -5.48 18.55
C SER B 1 -27.01 -4.45 17.60
N ILE B 2 -26.31 -4.16 16.51
CA ILE B 2 -26.79 -3.10 15.61
C ILE B 2 -27.96 -3.59 14.76
N ILE B 3 -28.18 -4.91 14.74
CA ILE B 3 -29.31 -5.54 14.06
C ILE B 3 -29.44 -7.00 14.53
N SER B 4 -30.67 -7.53 14.57
CA SER B 4 -30.89 -8.91 15.06
C SER B 4 -30.76 -9.95 13.94
N ARG B 5 -30.49 -11.20 14.32
CA ARG B 5 -30.39 -12.30 13.37
C ARG B 5 -31.67 -12.46 12.56
N SER B 6 -32.81 -12.40 13.25
CA SER B 6 -34.13 -12.53 12.63
CA SER B 6 -34.12 -12.56 12.62
C SER B 6 -34.42 -11.49 11.57
N THR B 7 -34.09 -10.23 11.88
CA THR B 7 -34.32 -9.12 10.97
C THR B 7 -33.48 -9.23 9.71
N PHE B 8 -32.21 -9.59 9.88
CA PHE B 8 -31.29 -9.83 8.77
C PHE B 8 -31.84 -10.89 7.81
N GLU B 9 -32.34 -12.00 8.34
CA GLU B 9 -32.80 -13.12 7.49
C GLU B 9 -34.08 -12.79 6.75
N GLU B 10 -34.96 -11.99 7.37
CA GLU B 10 -36.19 -11.59 6.70
C GLU B 10 -35.93 -10.57 5.60
N MET B 11 -34.94 -9.69 5.80
CA MET B 11 -34.57 -8.74 4.76
C MET B 11 -34.05 -9.45 3.50
N LEU B 12 -33.15 -10.38 3.69
CA LEU B 12 -32.50 -11.07 2.57
C LEU B 12 -33.00 -12.51 2.40
N LYS B 13 -34.32 -12.69 2.32
CA LYS B 13 -34.86 -14.04 2.45
C LYS B 13 -34.83 -14.90 1.18
N HIS B 14 -34.44 -14.33 0.03
CA HIS B 14 -34.34 -15.14 -1.19
C HIS B 14 -32.89 -15.29 -1.70
N ARG B 15 -31.91 -14.76 -0.95
CA ARG B 15 -30.51 -14.80 -1.38
C ARG B 15 -29.96 -16.24 -1.58
N ASN B 16 -30.54 -17.20 -0.88
CA ASN B 16 -30.06 -18.59 -0.97
C ASN B 16 -30.92 -19.50 -1.88
N ASP B 17 -31.75 -18.89 -2.72
CA ASP B 17 -32.49 -19.59 -3.77
C ASP B 17 -31.54 -20.26 -4.77
N ALA B 18 -32.01 -21.28 -5.47
CA ALA B 18 -31.19 -22.01 -6.44
C ALA B 18 -30.67 -21.13 -7.59
N ALA B 19 -31.45 -20.14 -8.00
CA ALA B 19 -31.04 -19.24 -9.09
C ALA B 19 -29.88 -18.29 -8.72
N CYS B 20 -29.58 -18.13 -7.43
CA CYS B 20 -28.56 -17.16 -7.02
C CYS B 20 -27.16 -17.75 -6.91
N PRO B 21 -26.22 -17.21 -7.71
CA PRO B 21 -24.82 -17.67 -7.73
C PRO B 21 -24.05 -17.48 -6.42
N ALA B 22 -24.47 -16.57 -5.56
CA ALA B 22 -23.81 -16.37 -4.27
C ALA B 22 -24.38 -17.25 -3.15
N LYS B 23 -25.30 -18.15 -3.51
CA LYS B 23 -25.97 -19.02 -2.53
C LYS B 23 -25.01 -19.68 -1.55
N GLY B 24 -25.31 -19.53 -0.25
CA GLY B 24 -24.47 -20.06 0.81
C GLY B 24 -23.34 -19.16 1.32
N PHE B 25 -23.17 -17.97 0.74
CA PHE B 25 -21.99 -17.17 1.05
C PHE B 25 -22.22 -16.12 2.15
N TYR B 26 -23.24 -15.27 1.97
CA TYR B 26 -23.48 -14.16 2.89
C TYR B 26 -24.13 -14.58 4.21
N THR B 27 -23.47 -14.30 5.36
CA THR B 27 -24.02 -14.63 6.70
C THR B 27 -24.13 -13.45 7.68
N TYR B 28 -25.07 -13.56 8.62
CA TYR B 28 -25.23 -12.59 9.70
C TYR B 28 -23.97 -12.47 10.57
N ASP B 29 -23.38 -13.61 10.93
CA ASP B 29 -22.20 -13.61 11.80
C ASP B 29 -20.99 -12.86 11.20
N ALA B 30 -20.79 -13.06 9.90
CA ALA B 30 -19.71 -12.34 9.22
C ALA B 30 -19.97 -10.80 9.18
N PHE B 31 -21.22 -10.39 8.98
CA PHE B 31 -21.56 -8.95 9.00
C PHE B 31 -21.27 -8.33 10.38
N ILE B 32 -21.65 -9.05 11.44
CA ILE B 32 -21.48 -8.52 12.80
C ILE B 32 -20.01 -8.37 13.18
N SER B 33 -19.14 -9.30 12.80
CA SER B 33 -17.72 -9.20 13.11
CA SER B 33 -17.74 -9.15 13.18
C SER B 33 -17.09 -8.06 12.33
N ALA B 34 -17.46 -7.96 11.05
CA ALA B 34 -16.93 -6.89 10.18
C ALA B 34 -17.21 -5.48 10.74
N ALA B 35 -18.41 -5.27 11.28
CA ALA B 35 -18.82 -3.95 11.78
C ALA B 35 -18.00 -3.51 13.01
N LYS B 36 -17.35 -4.47 13.67
CA LYS B 36 -16.55 -4.13 14.85
C LYS B 36 -15.28 -3.35 14.47
N ALA B 37 -14.88 -3.41 13.20
CA ALA B 37 -13.75 -2.60 12.74
C ALA B 37 -14.12 -1.10 12.57
N PHE B 38 -15.41 -0.77 12.66
CA PHE B 38 -15.90 0.61 12.56
C PHE B 38 -17.00 0.86 13.61
N PRO B 39 -16.61 1.14 14.87
CA PRO B 39 -17.56 1.16 15.99
C PRO B 39 -18.63 2.27 15.96
N ALA B 40 -18.46 3.31 15.13
CA ALA B 40 -19.51 4.33 15.01
C ALA B 40 -20.67 3.91 14.07
N PHE B 41 -20.45 2.86 13.28
CA PHE B 41 -21.45 2.40 12.28
C PHE B 41 -22.67 1.80 12.96
N GLY B 42 -23.84 2.38 12.73
CA GLY B 42 -25.08 1.87 13.31
C GLY B 42 -25.30 2.16 14.78
N THR B 43 -24.43 2.96 15.39
CA THR B 43 -24.54 3.33 16.81
C THR B 43 -24.55 4.84 17.05
N THR B 44 -24.64 5.61 15.98
CA THR B 44 -24.58 7.07 16.06
C THR B 44 -25.96 7.71 15.87
N GLY B 45 -26.39 8.53 16.82
CA GLY B 45 -27.66 9.23 16.72
C GLY B 45 -28.71 8.67 17.67
N ASP B 46 -29.93 9.19 17.58
CA ASP B 46 -31.03 8.65 18.38
C ASP B 46 -31.55 7.37 17.72
N VAL B 47 -32.54 6.73 18.33
CA VAL B 47 -33.00 5.41 17.89
C VAL B 47 -33.42 5.34 16.41
N ASP B 48 -34.25 6.28 15.97
CA ASP B 48 -34.71 6.30 14.57
C ASP B 48 -33.56 6.55 13.57
N THR B 49 -32.54 7.29 14.02
CA THR B 49 -31.38 7.60 13.16
C THR B 49 -30.48 6.39 12.97
N CYS B 50 -30.33 5.56 14.00
CA CYS B 50 -29.57 4.32 13.85
C CYS B 50 -30.29 3.36 12.90
N LYS B 51 -31.62 3.32 13.00
CA LYS B 51 -32.44 2.49 12.12
C LYS B 51 -32.33 2.92 10.67
N ARG B 52 -32.37 4.24 10.43
CA ARG B 52 -32.28 4.78 9.08
C ARG B 52 -30.90 4.47 8.46
N GLU B 53 -29.83 4.50 9.26
CA GLU B 53 -28.52 4.18 8.73
C GLU B 53 -28.49 2.70 8.28
N ILE B 54 -29.07 1.80 9.07
CA ILE B 54 -29.03 0.37 8.73
C ILE B 54 -29.85 0.09 7.47
N ALA B 55 -31.02 0.72 7.36
CA ALA B 55 -31.88 0.60 6.17
C ALA B 55 -31.20 1.13 4.90
N ALA B 56 -30.48 2.24 5.02
CA ALA B 56 -29.85 2.87 3.87
C ALA B 56 -28.64 2.07 3.35
N PHE B 57 -27.84 1.53 4.29
CA PHE B 57 -26.73 0.64 3.93
C PHE B 57 -27.23 -0.60 3.20
N PHE B 58 -28.23 -1.27 3.74
CA PHE B 58 -28.73 -2.47 3.07
C PHE B 58 -29.57 -2.15 1.83
N GLY B 59 -30.14 -0.95 1.76
CA GLY B 59 -30.84 -0.50 0.56
C GLY B 59 -29.94 -0.36 -0.65
N GLN B 60 -28.85 0.40 -0.49
CA GLN B 60 -27.88 0.62 -1.58
C GLN B 60 -27.11 -0.68 -1.94
N THR B 61 -26.69 -1.48 -0.96
CA THR B 61 -25.96 -2.74 -1.27
C THR B 61 -26.88 -3.82 -1.89
N SER B 62 -28.14 -3.87 -1.46
CA SER B 62 -29.13 -4.74 -2.12
C SER B 62 -29.30 -4.42 -3.62
N HIS B 63 -29.38 -3.14 -3.99
CA HIS B 63 -29.44 -2.79 -5.41
C HIS B 63 -28.23 -3.28 -6.18
N ALA B 64 -27.03 -3.05 -5.63
CA ALA B 64 -25.78 -3.43 -6.30
C ALA B 64 -25.71 -4.93 -6.62
N THR B 65 -26.43 -5.74 -5.84
CA THR B 65 -26.35 -7.22 -5.98
C THR B 65 -27.70 -7.91 -6.27
N THR B 66 -28.67 -7.19 -6.82
CA THR B 66 -30.05 -7.68 -6.87
C THR B 66 -30.25 -8.79 -7.91
N GLY B 67 -31.09 -9.77 -7.58
CA GLY B 67 -31.54 -10.77 -8.55
C GLY B 67 -33.01 -10.61 -8.95
N GLY B 68 -33.60 -9.46 -8.62
CA GLY B 68 -35.04 -9.27 -8.81
C GLY B 68 -35.59 -9.01 -10.21
N TRP B 69 -36.92 -9.17 -10.34
CA TRP B 69 -37.65 -8.82 -11.57
C TRP B 69 -39.12 -8.49 -11.21
N PRO B 70 -39.86 -7.83 -12.12
CA PRO B 70 -41.17 -7.29 -11.70
C PRO B 70 -42.18 -8.31 -11.16
N THR B 71 -42.17 -9.57 -11.60
CA THR B 71 -43.10 -10.56 -11.06
C THR B 71 -42.46 -11.62 -10.13
N ALA B 72 -41.29 -11.32 -9.59
CA ALA B 72 -40.62 -12.24 -8.66
C ALA B 72 -41.47 -12.51 -7.41
N PRO B 73 -41.30 -13.68 -6.80
CA PRO B 73 -41.93 -13.99 -5.50
C PRO B 73 -41.64 -12.92 -4.43
N ASP B 74 -42.68 -12.43 -3.77
CA ASP B 74 -42.58 -11.36 -2.77
C ASP B 74 -42.08 -10.00 -3.32
N GLY B 75 -42.10 -9.82 -4.64
CA GLY B 75 -41.74 -8.54 -5.25
C GLY B 75 -40.26 -8.32 -5.47
N PRO B 76 -39.90 -7.37 -6.33
CA PRO B 76 -38.49 -7.19 -6.71
C PRO B 76 -37.60 -6.67 -5.58
N TYR B 77 -38.18 -6.18 -4.49
CA TYR B 77 -37.38 -5.66 -3.38
C TYR B 77 -37.14 -6.69 -2.26
N ALA B 78 -37.35 -7.98 -2.57
CA ALA B 78 -36.97 -9.07 -1.66
C ALA B 78 -35.79 -9.91 -2.18
N TRP B 79 -35.17 -9.48 -3.28
CA TRP B 79 -34.14 -10.27 -3.94
C TRP B 79 -32.71 -9.68 -3.89
N GLY B 80 -32.39 -8.89 -2.87
CA GLY B 80 -31.02 -8.40 -2.71
C GLY B 80 -30.02 -9.51 -2.33
N TYR B 81 -28.72 -9.25 -2.54
CA TYR B 81 -27.62 -10.15 -2.15
C TYR B 81 -27.64 -11.52 -2.88
N CYS B 82 -28.13 -11.51 -4.12
CA CYS B 82 -28.17 -12.69 -4.98
C CYS B 82 -26.81 -12.98 -5.66
N TYR B 83 -26.02 -11.92 -5.92
CA TYR B 83 -24.70 -12.05 -6.56
C TYR B 83 -23.55 -11.59 -5.66
N LYS B 84 -22.32 -12.03 -5.97
CA LYS B 84 -21.12 -11.52 -5.29
C LYS B 84 -20.00 -11.10 -6.26
N GLU B 85 -20.15 -11.37 -7.54
CA GLU B 85 -19.19 -10.95 -8.58
C GLU B 85 -19.88 -10.32 -9.80
N GLU B 86 -19.30 -9.24 -10.32
CA GLU B 86 -19.81 -8.56 -11.52
C GLU B 86 -19.95 -9.56 -12.66
N LEU B 87 -21.02 -9.41 -13.46
CA LEU B 87 -21.31 -10.32 -14.57
C LEU B 87 -20.25 -10.24 -15.67
N ASN B 88 -20.12 -9.05 -16.25
CA ASN B 88 -19.12 -8.82 -17.31
C ASN B 88 -17.71 -8.64 -16.75
N GLN B 89 -16.90 -9.70 -16.82
CA GLN B 89 -15.54 -9.66 -16.28
C GLN B 89 -14.48 -9.50 -17.38
N ALA B 90 -14.82 -8.80 -18.45
CA ALA B 90 -13.90 -8.60 -19.56
C ALA B 90 -12.90 -7.48 -19.29
N SER B 91 -13.36 -6.38 -18.71
CA SER B 91 -12.46 -5.27 -18.41
C SER B 91 -11.60 -5.56 -17.19
N SER B 92 -10.41 -4.97 -17.15
CA SER B 92 -9.48 -5.22 -16.05
C SER B 92 -9.64 -4.20 -14.93
N TYR B 93 -10.31 -3.09 -15.25
CA TYR B 93 -10.52 -2.00 -14.30
C TYR B 93 -9.20 -1.53 -13.70
N CYS B 94 -8.26 -1.18 -14.58
CA CYS B 94 -6.94 -0.72 -14.14
C CYS B 94 -6.54 0.62 -14.73
N SER B 95 -6.34 1.61 -13.86
CA SER B 95 -5.75 2.88 -14.24
C SER B 95 -4.47 3.07 -13.45
N PRO B 96 -3.36 3.34 -14.16
CA PRO B 96 -1.98 3.30 -13.63
C PRO B 96 -1.78 4.18 -12.41
N SER B 97 -1.15 3.64 -11.37
CA SER B 97 -0.75 4.46 -10.22
C SER B 97 0.37 3.77 -9.47
N PRO B 98 1.45 4.51 -9.18
CA PRO B 98 2.57 3.90 -8.46
C PRO B 98 2.20 3.53 -7.03
N ALA B 99 1.32 4.30 -6.40
CA ALA B 99 0.90 4.01 -5.04
C ALA B 99 0.14 2.67 -4.97
N TYR B 100 -0.66 2.37 -5.98
CA TYR B 100 -1.46 1.16 -5.98
C TYR B 100 -1.37 0.40 -7.31
N PRO B 101 -0.24 -0.28 -7.56
CA PRO B 101 0.06 -0.86 -8.88
C PRO B 101 -0.77 -2.09 -9.23
N CYS B 102 -1.23 -2.16 -10.48
CA CYS B 102 -2.00 -3.30 -10.95
C CYS B 102 -1.14 -4.56 -10.97
N ALA B 103 -1.64 -5.63 -10.37
CA ALA B 103 -0.93 -6.90 -10.39
C ALA B 103 -1.19 -7.65 -11.70
N PRO B 104 -0.11 -8.11 -12.34
CA PRO B 104 -0.17 -8.89 -13.60
C PRO B 104 -1.06 -10.13 -13.52
N GLY B 105 -1.98 -10.23 -14.49
CA GLY B 105 -2.87 -11.36 -14.58
C GLY B 105 -4.16 -11.25 -13.77
N LYS B 106 -4.34 -10.14 -13.06
CA LYS B 106 -5.52 -9.95 -12.20
C LYS B 106 -6.42 -8.80 -12.66
N LYS B 107 -7.68 -8.82 -12.23
CA LYS B 107 -8.67 -7.84 -12.67
C LYS B 107 -9.43 -7.28 -11.47
N TYR B 108 -9.84 -6.01 -11.54
CA TYR B 108 -10.51 -5.34 -10.42
C TYR B 108 -11.97 -4.94 -10.71
N TYR B 109 -12.72 -5.89 -11.26
CA TYR B 109 -14.17 -5.75 -11.45
C TYR B 109 -14.90 -5.86 -10.10
N GLY B 110 -16.19 -5.54 -10.09
CA GLY B 110 -16.96 -5.47 -8.85
C GLY B 110 -17.06 -6.76 -8.05
N ARG B 111 -16.88 -6.65 -6.72
CA ARG B 111 -16.99 -7.79 -5.79
C ARG B 111 -17.65 -7.38 -4.44
N GLY B 112 -18.45 -8.28 -3.88
CA GLY B 112 -19.08 -8.10 -2.58
C GLY B 112 -20.31 -7.18 -2.60
N PRO B 113 -20.86 -6.86 -1.41
CA PRO B 113 -22.08 -6.06 -1.29
C PRO B 113 -22.02 -4.65 -1.94
N ILE B 114 -20.87 -3.99 -1.93
CA ILE B 114 -20.78 -2.67 -2.59
C ILE B 114 -20.21 -2.78 -4.02
N GLN B 115 -19.93 -4.01 -4.46
CA GLN B 115 -19.33 -4.24 -5.77
C GLN B 115 -18.12 -3.33 -5.99
N LEU B 116 -17.15 -3.44 -5.08
CA LEU B 116 -15.93 -2.63 -5.09
C LEU B 116 -15.16 -2.78 -6.41
N SER B 117 -14.80 -1.65 -7.02
CA SER B 117 -14.14 -1.63 -8.32
C SER B 117 -12.91 -0.71 -8.40
N TRP B 118 -11.98 -1.08 -9.28
CA TRP B 118 -10.75 -0.33 -9.64
C TRP B 118 -9.58 -0.60 -8.69
N ASN B 119 -8.37 -0.62 -9.25
CA ASN B 119 -7.18 -0.91 -8.47
C ASN B 119 -6.97 0.08 -7.33
N TYR B 120 -7.33 1.34 -7.52
CA TYR B 120 -7.07 2.31 -6.46
C TYR B 120 -8.03 2.17 -5.25
N ASN B 121 -9.20 1.56 -5.44
CA ASN B 121 -10.08 1.31 -4.29
C ASN B 121 -9.63 0.07 -3.54
N TYR B 122 -9.19 -0.96 -4.27
CA TYR B 122 -8.68 -2.18 -3.64
C TYR B 122 -7.39 -1.87 -2.86
N GLY B 123 -6.63 -0.90 -3.36
CA GLY B 123 -5.41 -0.48 -2.69
C GLY B 123 -5.61 0.28 -1.38
N GLN B 124 -6.43 1.34 -1.44
CA GLN B 124 -6.78 2.15 -0.26
C GLN B 124 -7.42 1.34 0.85
N CYS B 125 -8.36 0.48 0.46
CA CYS B 125 -9.08 -0.39 1.38
C CYS B 125 -8.14 -1.38 2.08
N GLY B 126 -7.27 -2.02 1.30
CA GLY B 126 -6.32 -2.96 1.84
C GLY B 126 -5.38 -2.31 2.85
N GLN B 127 -4.92 -1.11 2.51
CA GLN B 127 -4.02 -0.37 3.40
C GLN B 127 -4.70 -0.02 4.72
N ALA B 128 -5.99 0.29 4.64
CA ALA B 128 -6.77 0.68 5.80
C ALA B 128 -7.01 -0.48 6.76
N LEU B 129 -7.29 -1.65 6.19
CA LEU B 129 -7.73 -2.83 6.96
C LEU B 129 -6.59 -3.79 7.33
N GLY B 130 -5.41 -3.61 6.73
CA GLY B 130 -4.29 -4.51 6.93
C GLY B 130 -4.41 -5.82 6.16
N LEU B 131 -4.83 -5.72 4.89
CA LEU B 131 -4.94 -6.88 4.00
C LEU B 131 -4.33 -6.59 2.61
N ASP B 132 -3.79 -7.61 1.94
CA ASP B 132 -3.21 -7.41 0.60
C ASP B 132 -4.23 -7.73 -0.49
N LEU B 133 -5.14 -6.78 -0.73
CA LEU B 133 -6.22 -6.93 -1.72
C LEU B 133 -5.73 -6.64 -3.14
N LEU B 134 -4.64 -5.87 -3.25
CA LEU B 134 -4.06 -5.56 -4.56
C LEU B 134 -3.55 -6.82 -5.26
N ASN B 135 -2.85 -7.67 -4.52
CA ASN B 135 -2.30 -8.89 -5.09
C ASN B 135 -3.30 -10.03 -5.08
N ASN B 136 -4.29 -9.98 -4.20
CA ASN B 136 -5.32 -11.04 -4.14
C ASN B 136 -6.75 -10.50 -4.08
N PRO B 137 -7.19 -9.82 -5.14
CA PRO B 137 -8.51 -9.17 -5.18
C PRO B 137 -9.68 -10.15 -5.00
N ASP B 138 -9.49 -11.42 -5.35
CA ASP B 138 -10.56 -12.41 -5.21
C ASP B 138 -10.99 -12.61 -3.76
N LEU B 139 -10.17 -12.17 -2.81
CA LEU B 139 -10.52 -12.24 -1.39
C LEU B 139 -11.83 -11.50 -1.06
N VAL B 140 -12.13 -10.44 -1.80
CA VAL B 140 -13.37 -9.67 -1.56
C VAL B 140 -14.60 -10.47 -2.01
N ALA B 141 -14.38 -11.51 -2.82
CA ALA B 141 -15.46 -12.44 -3.17
C ALA B 141 -15.34 -13.88 -2.58
N THR B 142 -14.23 -14.23 -1.92
CA THR B 142 -14.15 -15.61 -1.36
C THR B 142 -14.08 -15.71 0.17
N ASP B 143 -13.69 -14.64 0.87
CA ASP B 143 -13.71 -14.62 2.34
C ASP B 143 -14.93 -13.85 2.85
N ARG B 144 -15.74 -14.49 3.68
CA ARG B 144 -17.02 -13.93 4.15
C ARG B 144 -16.87 -12.58 4.87
N VAL B 145 -15.93 -12.49 5.80
CA VAL B 145 -15.75 -11.25 6.57
C VAL B 145 -15.16 -10.10 5.72
N ILE B 146 -14.15 -10.40 4.90
CA ILE B 146 -13.51 -9.35 4.09
C ILE B 146 -14.50 -8.74 3.09
N SER B 147 -15.38 -9.56 2.52
CA SER B 147 -16.43 -9.08 1.62
C SER B 147 -17.28 -7.96 2.25
N PHE B 148 -17.77 -8.17 3.48
CA PHE B 148 -18.50 -7.13 4.22
C PHE B 148 -17.62 -5.93 4.67
N LYS B 149 -16.41 -6.19 5.14
CA LYS B 149 -15.49 -5.12 5.54
C LYS B 149 -15.22 -4.09 4.42
N ALA B 150 -15.10 -4.57 3.18
CA ALA B 150 -14.87 -3.67 2.04
C ALA B 150 -16.06 -2.72 1.83
N ALA B 151 -17.27 -3.24 2.06
CA ALA B 151 -18.48 -2.43 1.91
C ALA B 151 -18.60 -1.36 3.01
N ILE B 152 -18.32 -1.74 4.25
CA ILE B 152 -18.47 -0.79 5.37
C ILE B 152 -17.35 0.25 5.32
N TRP B 153 -16.16 -0.16 4.90
CA TRP B 153 -15.06 0.79 4.66
C TRP B 153 -15.46 1.87 3.64
N PHE B 154 -16.06 1.48 2.52
CA PHE B 154 -16.49 2.48 1.54
C PHE B 154 -17.52 3.46 2.14
N TRP B 155 -18.49 2.91 2.88
CA TRP B 155 -19.58 3.68 3.48
C TRP B 155 -19.07 4.74 4.46
N MET B 156 -18.00 4.41 5.19
CA MET B 156 -17.49 5.24 6.29
C MET B 156 -16.38 6.22 5.90
N THR B 157 -15.90 6.17 4.66
CA THR B 157 -14.67 6.87 4.27
C THR B 157 -14.91 8.02 3.27
N PRO B 158 -14.64 9.28 3.68
CA PRO B 158 -14.80 10.43 2.79
C PRO B 158 -13.70 10.46 1.72
N GLN B 159 -14.04 10.88 0.50
CA GLN B 159 -13.05 11.05 -0.56
C GLN B 159 -13.32 12.39 -1.26
N PHE B 160 -12.58 13.42 -0.84
CA PHE B 160 -12.84 14.81 -1.26
C PHE B 160 -13.01 14.96 -2.77
N PRO B 161 -14.03 15.74 -3.20
CA PRO B 161 -14.93 16.56 -2.39
C PRO B 161 -16.17 15.86 -1.84
N LYS B 162 -16.23 14.53 -1.94
CA LYS B 162 -17.37 13.78 -1.42
C LYS B 162 -17.26 13.59 0.09
N PRO B 163 -18.36 13.81 0.81
CA PRO B 163 -18.38 13.41 2.22
C PRO B 163 -18.58 11.89 2.33
N SER B 164 -18.58 11.33 3.54
CA SER B 164 -18.91 9.91 3.70
C SER B 164 -20.44 9.70 3.64
N CYS B 165 -20.89 8.55 3.12
CA CYS B 165 -22.31 8.19 3.21
C CYS B 165 -22.83 8.22 4.66
N HIS B 166 -22.00 7.77 5.60
CA HIS B 166 -22.30 7.78 7.04
C HIS B 166 -22.63 9.17 7.60
N ASP B 167 -21.81 10.18 7.28
CA ASP B 167 -22.08 11.56 7.72
C ASP B 167 -23.40 12.14 7.16
N VAL B 168 -23.71 11.83 5.91
CA VAL B 168 -24.96 12.31 5.28
C VAL B 168 -26.20 11.73 5.99
N ILE B 169 -26.26 10.42 6.14
CA ILE B 169 -27.45 9.76 6.70
C ILE B 169 -27.66 10.07 8.19
N THR B 170 -26.59 10.36 8.94
CA THR B 170 -26.77 10.64 10.37
C THR B 170 -26.98 12.13 10.69
N GLY B 171 -26.92 12.99 9.67
CA GLY B 171 -27.23 14.41 9.87
C GLY B 171 -26.03 15.30 10.14
N GLN B 172 -24.83 14.75 9.95
CA GLN B 172 -23.59 15.44 10.28
C GLN B 172 -22.95 16.25 9.14
N TRP B 173 -23.48 16.14 7.93
CA TRP B 173 -22.93 16.83 6.77
C TRP B 173 -23.55 18.22 6.59
N SER B 174 -22.69 19.21 6.35
CA SER B 174 -23.09 20.61 6.14
C SER B 174 -22.75 21.09 4.73
N PRO B 175 -23.76 21.22 3.87
CA PRO B 175 -23.59 21.60 2.45
C PRO B 175 -22.95 22.98 2.27
N THR B 176 -22.01 23.10 1.34
CA THR B 176 -21.36 24.39 1.06
C THR B 176 -22.12 25.20 0.00
N GLY B 177 -21.56 26.36 -0.35
CA GLY B 177 -22.09 27.16 -1.45
C GLY B 177 -22.10 26.41 -2.77
N HIS B 178 -21.04 25.65 -3.06
CA HIS B 178 -21.01 24.83 -4.27
C HIS B 178 -22.11 23.79 -4.30
N ASP B 179 -22.39 23.21 -3.14
CA ASP B 179 -23.43 22.18 -3.02
C ASP B 179 -24.81 22.79 -3.27
N ILE B 180 -25.06 24.00 -2.75
CA ILE B 180 -26.35 24.66 -2.99
C ILE B 180 -26.55 24.99 -4.48
N SER B 181 -25.50 25.49 -5.12
CA SER B 181 -25.54 25.75 -6.56
C SER B 181 -25.82 24.47 -7.37
N ALA B 182 -25.34 23.34 -6.85
CA ALA B 182 -25.41 22.04 -7.51
C ALA B 182 -26.70 21.29 -7.20
N GLY B 183 -27.55 21.87 -6.34
CA GLY B 183 -28.83 21.28 -6.01
C GLY B 183 -28.77 20.08 -5.07
N ARG B 184 -27.67 19.93 -4.34
CA ARG B 184 -27.45 18.80 -3.43
C ARG B 184 -27.82 19.13 -1.97
N ALA B 185 -28.92 18.56 -1.48
CA ALA B 185 -29.35 18.73 -0.09
C ALA B 185 -29.37 17.37 0.63
N PRO B 186 -29.14 17.35 1.96
CA PRO B 186 -28.97 16.07 2.66
C PRO B 186 -30.17 15.09 2.57
N GLY B 187 -29.86 13.82 2.31
CA GLY B 187 -30.87 12.77 2.16
C GLY B 187 -30.36 11.59 1.36
N TYR B 188 -31.22 10.60 1.11
CA TYR B 188 -30.83 9.37 0.40
C TYR B 188 -30.30 9.63 -1.02
N GLY B 189 -30.80 10.69 -1.66
CA GLY B 189 -30.36 11.06 -3.01
C GLY B 189 -28.87 11.37 -3.16
N VAL B 190 -28.35 12.18 -2.25
CA VAL B 190 -26.91 12.47 -2.20
C VAL B 190 -26.05 11.22 -1.98
N ILE B 191 -26.57 10.24 -1.25
CA ILE B 191 -25.86 8.97 -1.05
C ILE B 191 -25.74 8.21 -2.39
N THR B 192 -26.81 8.20 -3.17
CA THR B 192 -26.77 7.61 -4.51
C THR B 192 -25.70 8.32 -5.38
N ASN B 193 -25.58 9.64 -5.22
CA ASN B 193 -24.61 10.46 -5.98
C ASN B 193 -23.17 10.08 -5.64
N ILE B 194 -22.90 9.88 -4.34
CA ILE B 194 -21.58 9.48 -3.85
C ILE B 194 -21.18 8.12 -4.44
N ILE B 195 -22.12 7.19 -4.47
CA ILE B 195 -21.83 5.82 -4.93
C ILE B 195 -21.64 5.69 -6.44
N ASN B 196 -22.54 6.25 -7.26
CA ASN B 196 -22.41 6.13 -8.73
C ASN B 196 -23.01 7.31 -9.51
N GLY B 197 -22.92 8.51 -8.95
CA GLY B 197 -23.57 9.68 -9.52
C GLY B 197 -23.04 10.08 -10.90
N GLY B 198 -21.76 9.79 -11.16
CA GLY B 198 -21.15 10.04 -12.46
C GLY B 198 -21.99 9.49 -13.59
N LEU B 199 -22.63 8.34 -13.38
CA LEU B 199 -23.47 7.73 -14.40
C LEU B 199 -24.98 7.90 -14.18
N GLU B 200 -25.41 8.01 -12.92
CA GLU B 200 -26.84 7.88 -12.58
C GLU B 200 -27.59 9.19 -12.28
N CYS B 201 -26.88 10.27 -11.96
CA CYS B 201 -27.54 11.47 -11.43
C CYS B 201 -27.57 12.68 -12.38
N GLY B 202 -28.49 13.60 -12.14
CA GLY B 202 -28.59 14.85 -12.88
C GLY B 202 -29.12 14.72 -14.30
N ARG B 203 -29.78 13.61 -14.60
CA ARG B 203 -30.22 13.33 -15.97
C ARG B 203 -31.73 13.10 -16.07
N GLY B 204 -32.49 13.46 -15.03
CA GLY B 204 -33.90 13.11 -14.99
C GLY B 204 -34.12 11.68 -14.49
N TRP B 205 -35.36 11.19 -14.60
CA TRP B 205 -35.73 9.84 -14.15
C TRP B 205 -34.81 8.75 -14.68
N ASP B 206 -34.50 7.78 -13.82
CA ASP B 206 -33.60 6.67 -14.15
C ASP B 206 -33.98 5.42 -13.35
N ALA B 207 -34.13 4.30 -14.05
CA ALA B 207 -34.62 3.06 -13.44
C ALA B 207 -33.70 2.50 -12.34
N ARG B 208 -32.39 2.72 -12.46
CA ARG B 208 -31.43 2.32 -11.42
C ARG B 208 -31.68 3.07 -10.11
N VAL B 209 -31.90 4.38 -10.22
CA VAL B 209 -32.15 5.21 -9.04
C VAL B 209 -33.45 4.78 -8.35
N GLU B 210 -34.47 4.45 -9.14
CA GLU B 210 -35.75 4.02 -8.57
C GLU B 210 -35.65 2.67 -7.83
N ASP B 211 -34.82 1.76 -8.34
CA ASP B 211 -34.64 0.46 -7.70
C ASP B 211 -33.96 0.67 -6.32
N ARG B 212 -32.95 1.55 -6.26
CA ARG B 212 -32.29 1.87 -4.97
C ARG B 212 -33.31 2.40 -3.95
N ILE B 213 -34.24 3.24 -4.40
CA ILE B 213 -35.25 3.82 -3.51
C ILE B 213 -36.28 2.77 -3.03
N GLY B 214 -36.66 1.83 -3.91
CA GLY B 214 -37.55 0.75 -3.53
C GLY B 214 -37.06 -0.14 -2.40
N PHE B 215 -35.78 -0.54 -2.43
CA PHE B 215 -35.23 -1.33 -1.33
C PHE B 215 -35.24 -0.51 0.00
N TYR B 216 -34.79 0.74 -0.07
CA TYR B 216 -34.71 1.61 1.13
C TYR B 216 -36.06 1.76 1.84
N LYS B 217 -37.11 2.00 1.06
CA LYS B 217 -38.46 2.14 1.62
C LYS B 217 -38.95 0.85 2.27
N ARG B 218 -38.76 -0.30 1.62
CA ARG B 218 -39.19 -1.57 2.24
C ARG B 218 -38.52 -1.77 3.60
N TYR B 219 -37.22 -1.48 3.69
CA TYR B 219 -36.52 -1.70 4.94
C TYR B 219 -36.94 -0.68 6.03
N CYS B 220 -37.21 0.57 5.65
CA CYS B 220 -37.68 1.57 6.62
C CYS B 220 -39.06 1.17 7.15
N ASP B 221 -39.90 0.60 6.29
CA ASP B 221 -41.22 0.14 6.72
C ASP B 221 -41.11 -1.00 7.72
N MET B 222 -40.17 -1.92 7.47
CA MET B 222 -39.91 -3.01 8.41
C MET B 222 -39.49 -2.49 9.78
N PHE B 223 -38.72 -1.40 9.83
CA PHE B 223 -38.23 -0.85 11.11
C PHE B 223 -39.21 0.15 11.76
N ALA B 224 -40.28 0.48 11.04
CA ALA B 224 -41.27 1.50 11.45
C ALA B 224 -40.68 2.89 11.63
N VAL B 225 -39.82 3.33 10.71
CA VAL B 225 -39.30 4.69 10.73
C VAL B 225 -39.59 5.38 9.40
N GLY B 226 -39.53 6.71 9.39
CA GLY B 226 -39.82 7.51 8.21
C GLY B 226 -38.62 7.62 7.31
N TYR B 227 -38.84 8.02 6.05
CA TYR B 227 -37.79 8.00 5.02
C TYR B 227 -36.85 9.22 5.05
N GLY B 228 -37.28 10.31 5.67
CA GLY B 228 -36.58 11.58 5.54
C GLY B 228 -36.83 12.22 4.18
N SER B 229 -36.14 13.31 3.87
CA SER B 229 -36.37 14.11 2.66
C SER B 229 -35.39 13.84 1.51
N ASN B 230 -35.69 14.41 0.34
CA ASN B 230 -34.73 14.40 -0.79
C ASN B 230 -34.21 13.00 -1.19
N LEU B 231 -35.11 12.10 -1.61
CA LEU B 231 -34.75 10.70 -1.89
C LEU B 231 -34.10 10.40 -3.26
N ASP B 232 -34.33 11.24 -4.28
CA ASP B 232 -33.72 11.02 -5.60
C ASP B 232 -32.66 12.08 -5.92
N CYS B 233 -31.86 11.81 -6.94
CA CYS B 233 -30.81 12.74 -7.39
C CYS B 233 -31.02 13.20 -8.83
N TYR B 234 -32.27 13.20 -9.30
CA TYR B 234 -32.55 13.49 -10.70
C TYR B 234 -32.09 14.88 -11.18
N ASN B 235 -32.06 15.86 -10.28
CA ASN B 235 -31.59 17.19 -10.68
C ASN B 235 -30.26 17.65 -10.05
N GLN B 236 -29.55 16.73 -9.39
CA GLN B 236 -28.27 17.08 -8.75
C GLN B 236 -27.08 17.00 -9.71
N THR B 237 -26.19 17.98 -9.66
CA THR B 237 -24.88 17.85 -10.32
C THR B 237 -24.03 16.73 -9.68
N PRO B 238 -23.45 15.84 -10.49
CA PRO B 238 -22.53 14.82 -9.94
C PRO B 238 -21.35 15.47 -9.21
N PHE B 239 -20.86 14.84 -8.15
CA PHE B 239 -19.69 15.34 -7.43
C PHE B 239 -18.48 15.36 -8.36
N GLY B 240 -17.74 16.46 -8.32
CA GLY B 240 -16.56 16.61 -9.16
C GLY B 240 -16.86 17.23 -10.52
CL CL C . 23.25 15.23 6.60
CL CL D . -15.80 4.17 13.19
#